data_5Z9R
#
_entry.id   5Z9R
#
_cell.length_a   53.650
_cell.length_b   80.822
_cell.length_c   64.501
_cell.angle_alpha   90.000
_cell.angle_beta   102.220
_cell.angle_gamma   90.000
#
_symmetry.space_group_name_H-M   'P 1 21 1'
#
loop_
_entity.id
_entity.type
_entity.pdbx_description
1 polymer 'Nicotinamide/nicotinic acid mononucleotide adenylyltransferase 3'
2 water water
#
_entity_poly.entity_id   1
_entity_poly.type   'polypeptide(L)'
_entity_poly.pdbx_seq_one_letter_code
;MGSSHHHHHHSSGLVPRGSHMASMTGGQQMGRGSEFMKNRIPVVLLACGSFNPITNMHLRLFEVARDHLHQTGRYQVIEG
IISPVNDSYGKKDLVASHHRVAMARLALQTSDWIRVDPWESEQAQWMETVKVLRHHHRELLRSSAQMDGPDPSKTPSASA
ALPELKLLCGADVLKTFQTPNLWKDTHIQEIVEKFGLVCVSRSGHDPERYISDSPILQQFQHNIHLAREPVLNEISATYV
RKALGQGQSVKYLLPEAVITYIRDQGLYINDGSWKGKGKTG
;
_entity_poly.pdbx_strand_id   A,B
#
# COMPACT_ATOMS: atom_id res chain seq x y z
N ARG A 40 -7.33 21.05 -24.17
CA ARG A 40 -7.68 20.98 -22.75
C ARG A 40 -6.76 21.84 -21.90
N ILE A 41 -7.06 21.97 -20.62
CA ILE A 41 -6.44 22.99 -19.77
C ILE A 41 -5.34 22.36 -18.93
N PRO A 42 -4.13 22.90 -18.94
CA PRO A 42 -3.05 22.33 -18.11
C PRO A 42 -3.31 22.58 -16.64
N VAL A 43 -2.94 21.60 -15.83
CA VAL A 43 -3.23 21.56 -14.40
C VAL A 43 -1.97 21.16 -13.66
N VAL A 44 -1.70 21.82 -12.55
CA VAL A 44 -0.67 21.39 -11.60
C VAL A 44 -1.37 20.98 -10.32
N LEU A 45 -0.93 19.86 -9.73
CA LEU A 45 -1.46 19.37 -8.46
C LEU A 45 -0.46 19.70 -7.35
N LEU A 46 -0.95 20.32 -6.28
CA LEU A 46 -0.12 20.67 -5.13
C LEU A 46 -0.60 19.92 -3.89
N ALA A 47 0.31 19.25 -3.19
CA ALA A 47 0.00 18.62 -1.91
C ALA A 47 0.82 19.31 -0.83
N CYS A 48 0.14 19.90 0.13
CA CYS A 48 0.77 20.41 1.34
C CYS A 48 0.59 19.40 2.46
N GLY A 49 1.51 19.38 3.39
CA GLY A 49 1.40 18.43 4.49
C GLY A 49 2.69 18.35 5.25
N SER A 50 2.64 17.55 6.32
CA SER A 50 3.84 17.30 7.13
C SER A 50 4.86 16.43 6.40
N PHE A 51 4.40 15.38 5.70
CA PHE A 51 5.27 14.36 5.08
C PHE A 51 6.33 13.89 6.06
N ASN A 52 5.85 13.26 7.13
CA ASN A 52 6.64 13.00 8.31
C ASN A 52 6.56 11.55 8.77
N PRO A 53 7.00 10.58 7.94
CA PRO A 53 7.60 10.70 6.60
C PRO A 53 6.60 10.59 5.48
N ILE A 54 7.05 10.88 4.26
CA ILE A 54 6.28 10.51 3.08
C ILE A 54 6.11 8.99 3.04
N THR A 55 4.95 8.54 2.56
CA THR A 55 4.64 7.11 2.44
C THR A 55 4.09 6.82 1.05
N ASN A 56 3.90 5.51 0.75
CA ASN A 56 3.28 5.14 -0.51
C ASN A 56 1.86 5.69 -0.67
N MET A 57 1.17 6.02 0.44
CA MET A 57 -0.14 6.64 0.35
C MET A 57 -0.08 7.99 -0.38
N HIS A 58 0.87 8.85 0.02
CA HIS A 58 0.96 10.19 -0.59
C HIS A 58 1.21 10.12 -2.09
N LEU A 59 2.10 9.22 -2.52
CA LEU A 59 2.42 9.10 -3.95
C LEU A 59 1.25 8.54 -4.73
N ARG A 60 0.59 7.53 -4.15
CA ARG A 60 -0.61 6.96 -4.76
C ARG A 60 -1.69 8.04 -4.96
N LEU A 61 -1.86 8.94 -3.98
CA LEU A 61 -2.84 10.03 -4.13
C LEU A 61 -2.63 10.80 -5.43
N PHE A 62 -1.38 11.17 -5.72
CA PHE A 62 -1.10 11.89 -6.97
C PHE A 62 -1.51 11.07 -8.17
N GLU A 63 -1.15 9.78 -8.19
CA GLU A 63 -1.47 8.99 -9.39
C GLU A 63 -2.98 8.89 -9.61
N VAL A 64 -3.73 8.67 -8.54
CA VAL A 64 -5.17 8.55 -8.65
C VAL A 64 -5.78 9.88 -9.10
N ALA A 65 -5.29 11.00 -8.55
CA ALA A 65 -5.83 12.31 -8.91
C ALA A 65 -5.58 12.60 -10.39
N ARG A 66 -4.38 12.30 -10.87
CA ARG A 66 -4.07 12.57 -12.28
C ARG A 66 -4.94 11.74 -13.20
N ASP A 67 -5.11 10.46 -12.87
CA ASP A 67 -6.01 9.63 -13.69
C ASP A 67 -7.42 10.20 -13.71
N HIS A 68 -7.92 10.65 -12.56
CA HIS A 68 -9.27 11.22 -12.50
C HIS A 68 -9.41 12.45 -13.40
N LEU A 69 -8.49 13.39 -13.27
CA LEU A 69 -8.59 14.61 -14.08
C LEU A 69 -8.48 14.29 -15.56
N HIS A 70 -7.54 13.43 -15.94
CA HIS A 70 -7.42 13.05 -17.34
C HIS A 70 -8.71 12.41 -17.85
N GLN A 71 -9.35 11.59 -17.01
CA GLN A 71 -10.59 10.90 -17.40
C GLN A 71 -11.75 11.88 -17.60
N THR A 72 -11.77 13.02 -16.90
CA THR A 72 -12.85 13.99 -17.16
C THR A 72 -12.83 14.49 -18.60
N GLY A 73 -11.68 14.48 -19.26
CA GLY A 73 -11.57 14.97 -20.63
C GLY A 73 -11.27 16.46 -20.75
N ARG A 74 -11.27 17.21 -19.66
CA ARG A 74 -11.08 18.66 -19.75
C ARG A 74 -9.72 19.13 -19.30
N TYR A 75 -8.88 18.25 -18.73
CA TYR A 75 -7.64 18.65 -18.09
C TYR A 75 -6.46 17.87 -18.64
N GLN A 76 -5.28 18.51 -18.57
CA GLN A 76 -4.00 17.91 -18.91
C GLN A 76 -3.08 18.16 -17.73
N VAL A 77 -2.82 17.13 -16.92
CA VAL A 77 -2.00 17.30 -15.73
C VAL A 77 -0.54 17.30 -16.13
N ILE A 78 0.14 18.41 -15.89
CA ILE A 78 1.52 18.55 -16.33
C ILE A 78 2.53 18.45 -15.19
N GLU A 79 2.11 18.52 -13.94
CA GLU A 79 3.10 18.47 -12.87
C GLU A 79 2.41 18.21 -11.54
N GLY A 80 3.14 17.59 -10.62
CA GLY A 80 2.73 17.48 -9.23
C GLY A 80 3.79 18.10 -8.35
N ILE A 81 3.35 18.74 -7.25
CA ILE A 81 4.26 19.43 -6.34
C ILE A 81 3.98 18.96 -4.93
N ILE A 82 4.99 18.44 -4.27
CA ILE A 82 4.96 18.10 -2.85
C ILE A 82 5.63 19.23 -2.10
N SER A 83 4.96 19.78 -1.09
CA SER A 83 5.43 20.96 -0.36
C SER A 83 5.35 20.68 1.13
N PRO A 84 6.43 20.18 1.73
CA PRO A 84 6.38 19.87 3.17
C PRO A 84 6.23 21.13 4.02
N VAL A 85 5.56 20.96 5.17
CA VAL A 85 5.27 22.13 6.02
C VAL A 85 6.54 22.64 6.68
N ASN A 86 6.52 23.93 7.01
CA ASN A 86 7.58 24.59 7.75
C ASN A 86 7.67 24.02 9.16
N ASP A 87 8.88 24.06 9.73
CA ASP A 87 9.07 23.60 11.11
C ASP A 87 8.50 24.55 12.16
N SER A 88 8.10 25.78 11.80
CA SER A 88 7.47 26.68 12.77
C SER A 88 6.20 26.07 13.34
N TYR A 89 5.35 25.53 12.46
CA TYR A 89 4.28 24.57 12.76
C TYR A 89 4.58 23.81 14.05
N GLY A 90 5.48 22.83 13.97
CA GLY A 90 6.27 22.43 15.12
C GLY A 90 5.67 21.59 16.23
N LYS A 91 4.98 20.50 15.89
CA LYS A 91 4.69 19.51 16.91
C LYS A 91 5.97 18.76 17.28
N LYS A 92 5.93 18.12 18.46
CA LYS A 92 7.14 17.52 19.03
C LYS A 92 7.75 16.48 18.10
N ASP A 93 6.91 15.67 17.46
CA ASP A 93 7.42 14.59 16.62
C ASP A 93 7.69 15.03 15.19
N LEU A 94 7.58 16.31 14.87
CA LEU A 94 7.86 16.78 13.52
C LEU A 94 9.36 16.82 13.31
N VAL A 95 9.87 15.91 12.48
CA VAL A 95 11.29 15.88 12.15
C VAL A 95 11.67 17.12 11.35
N ALA A 96 12.95 17.50 11.39
CA ALA A 96 13.41 18.73 10.74
C ALA A 96 13.08 18.73 9.25
N SER A 97 12.68 19.89 8.73
CA SER A 97 12.22 19.95 7.34
C SER A 97 13.31 19.52 6.37
N HIS A 98 14.58 19.78 6.68
CA HIS A 98 15.64 19.25 5.82
C HIS A 98 15.45 17.76 5.58
N HIS A 99 15.18 16.99 6.63
CA HIS A 99 15.02 15.54 6.46
C HIS A 99 13.74 15.21 5.71
N ARG A 100 12.65 15.95 5.95
CA ARG A 100 11.39 15.62 5.29
C ARG A 100 11.46 15.90 3.79
N VAL A 101 12.12 16.99 3.38
CA VAL A 101 12.25 17.20 1.94
C VAL A 101 13.32 16.28 1.36
N ALA A 102 14.35 15.91 2.12
CA ALA A 102 15.29 14.91 1.62
C ALA A 102 14.58 13.58 1.33
N MET A 103 13.73 13.14 2.27
CA MET A 103 13.01 11.88 2.09
C MET A 103 12.03 11.95 0.95
N ALA A 104 11.33 13.08 0.80
CA ALA A 104 10.45 13.24 -0.34
C ALA A 104 11.22 13.20 -1.66
N ARG A 105 12.37 13.88 -1.72
CA ARG A 105 13.19 13.83 -2.94
C ARG A 105 13.63 12.40 -3.26
N LEU A 106 14.07 11.65 -2.25
CA LEU A 106 14.43 10.24 -2.49
C LEU A 106 13.22 9.44 -2.97
N ALA A 107 12.04 9.69 -2.37
CA ALA A 107 10.84 8.97 -2.78
C ALA A 107 10.46 9.28 -4.22
N LEU A 108 10.82 10.46 -4.72
CA LEU A 108 10.36 10.89 -6.04
C LEU A 108 11.35 10.55 -7.16
N GLN A 109 12.41 9.81 -6.84
CA GLN A 109 13.40 9.45 -7.87
C GLN A 109 12.77 8.71 -9.04
N THR A 110 11.76 7.89 -8.79
CA THR A 110 11.16 7.11 -9.85
C THR A 110 9.94 7.79 -10.49
N SER A 111 9.64 9.03 -10.11
CA SER A 111 8.54 9.77 -10.72
C SER A 111 9.07 10.65 -11.85
N ASP A 112 8.40 10.62 -12.99
CA ASP A 112 8.75 11.56 -14.05
C ASP A 112 7.89 12.83 -14.04
N TRP A 113 6.99 13.01 -13.08
CA TRP A 113 6.14 14.21 -13.12
C TRP A 113 5.88 14.89 -11.78
N ILE A 114 6.29 14.33 -10.65
CA ILE A 114 6.05 14.89 -9.32
C ILE A 114 7.40 15.34 -8.76
N ARG A 115 7.47 16.57 -8.27
CA ARG A 115 8.70 17.10 -7.69
C ARG A 115 8.44 17.62 -6.28
N VAL A 116 9.49 17.66 -5.46
CA VAL A 116 9.38 18.29 -4.16
C VAL A 116 9.83 19.75 -4.29
N ASP A 117 9.06 20.67 -3.72
CA ASP A 117 9.45 22.08 -3.70
C ASP A 117 9.62 22.53 -2.26
N PRO A 118 10.84 22.81 -1.81
CA PRO A 118 11.07 23.18 -0.42
C PRO A 118 10.78 24.64 -0.09
N TRP A 119 10.25 25.44 -1.04
CA TRP A 119 10.04 26.87 -0.79
C TRP A 119 9.32 27.12 0.53
N GLU A 120 8.16 26.48 0.71
CA GLU A 120 7.35 26.65 1.93
C GLU A 120 8.17 26.36 3.19
N SER A 121 8.93 25.27 3.20
CA SER A 121 9.69 24.93 4.39
C SER A 121 10.88 25.86 4.61
N GLU A 122 11.29 26.63 3.62
CA GLU A 122 12.43 27.54 3.75
C GLU A 122 12.04 28.93 4.21
N GLN A 123 10.74 29.24 4.28
CA GLN A 123 10.30 30.54 4.76
C GLN A 123 10.54 30.66 6.26
N ALA A 124 10.68 31.91 6.73
CA ALA A 124 10.97 32.13 8.14
C ALA A 124 9.82 31.72 9.04
N GLN A 125 8.60 31.62 8.52
CA GLN A 125 7.44 31.36 9.34
C GLN A 125 6.54 30.35 8.63
N TRP A 126 5.76 29.62 9.43
CA TRP A 126 4.67 28.83 8.90
C TRP A 126 3.71 29.70 8.10
N MET A 127 3.16 29.12 7.04
CA MET A 127 2.24 29.80 6.13
C MET A 127 0.94 29.03 6.04
N GLU A 128 -0.17 29.75 5.93
CA GLU A 128 -1.43 29.08 5.59
C GLU A 128 -1.37 28.51 4.18
N THR A 129 -2.10 27.41 3.97
CA THR A 129 -2.08 26.72 2.68
C THR A 129 -2.35 27.67 1.53
N VAL A 130 -3.28 28.61 1.71
CA VAL A 130 -3.69 29.47 0.60
C VAL A 130 -2.52 30.34 0.13
N LYS A 131 -1.65 30.75 1.03
CA LYS A 131 -0.47 31.50 0.58
C LYS A 131 0.51 30.63 -0.21
N VAL A 132 0.57 29.33 0.10
CA VAL A 132 1.41 28.44 -0.70
C VAL A 132 0.84 28.29 -2.10
N LEU A 133 -0.49 28.11 -2.18
CA LEU A 133 -1.17 28.09 -3.48
C LEU A 133 -0.92 29.37 -4.28
N ARG A 134 -1.05 30.53 -3.63
CA ARG A 134 -0.76 31.79 -4.33
C ARG A 134 0.65 31.80 -4.91
N HIS A 135 1.64 31.44 -4.07
CA HIS A 135 3.03 31.42 -4.53
C HIS A 135 3.21 30.52 -5.75
N HIS A 136 2.75 29.26 -5.66
CA HIS A 136 3.02 28.34 -6.74
C HIS A 136 2.20 28.67 -7.98
N HIS A 137 1.03 29.29 -7.81
CA HIS A 137 0.25 29.75 -8.96
C HIS A 137 0.97 30.86 -9.71
N ARG A 138 1.59 31.78 -8.97
CA ARG A 138 2.42 32.79 -9.61
C ARG A 138 3.57 32.15 -10.37
N GLU A 139 4.27 31.21 -9.74
CA GLU A 139 5.35 30.49 -10.45
C GLU A 139 4.84 29.81 -11.71
N LEU A 140 3.65 29.21 -11.64
CA LEU A 140 3.06 28.55 -12.80
C LEU A 140 2.80 29.54 -13.92
N LEU A 141 2.18 30.69 -13.60
CA LEU A 141 1.93 31.69 -14.63
C LEU A 141 3.23 32.19 -15.25
N ARG A 142 4.26 32.38 -14.42
CA ARG A 142 5.52 32.94 -14.91
C ARG A 142 6.25 31.98 -15.85
N SER A 143 6.16 30.67 -15.61
CA SER A 143 6.76 29.73 -16.57
C SER A 143 5.94 29.71 -17.86
N SER A 144 5.31 30.83 -18.20
CA SER A 144 4.50 31.02 -19.40
C SER A 144 3.40 29.97 -19.52
N ALA A 145 2.76 29.89 -20.68
CA ALA A 145 1.59 29.04 -20.84
C ALA A 145 1.49 28.58 -22.28
N GLN A 146 1.37 27.26 -22.45
CA GLN A 146 1.22 26.60 -23.72
C GLN A 146 -0.21 26.74 -24.26
N ALA A 161 -6.41 30.41 -22.41
CA ALA A 161 -6.54 29.18 -21.63
C ALA A 161 -6.33 29.43 -20.12
N LEU A 162 -5.04 29.64 -19.69
CA LEU A 162 -4.61 29.90 -18.31
C LEU A 162 -4.44 28.58 -17.55
N PRO A 163 -3.21 28.17 -17.22
CA PRO A 163 -3.04 26.95 -16.42
C PRO A 163 -3.72 27.10 -15.06
N GLU A 164 -4.15 25.97 -14.51
CA GLU A 164 -4.79 25.94 -13.21
C GLU A 164 -3.92 25.20 -12.20
N LEU A 165 -4.06 25.58 -10.93
CA LEU A 165 -3.37 24.93 -9.82
C LEU A 165 -4.44 24.47 -8.85
N LYS A 166 -4.44 23.18 -8.53
CA LYS A 166 -5.44 22.61 -7.64
C LYS A 166 -4.75 21.96 -6.45
N LEU A 167 -5.44 21.99 -5.31
CA LEU A 167 -4.93 21.38 -4.08
C LEU A 167 -5.37 19.93 -4.02
N LEU A 168 -4.41 19.04 -3.83
CA LEU A 168 -4.63 17.62 -3.71
C LEU A 168 -4.75 17.26 -2.24
N CYS A 169 -5.82 16.55 -1.88
CA CYS A 169 -5.98 16.13 -0.50
C CYS A 169 -6.71 14.78 -0.43
N GLY A 170 -6.58 14.13 0.72
CA GLY A 170 -7.46 13.04 1.05
C GLY A 170 -8.71 13.56 1.71
N ALA A 171 -9.68 12.66 1.90
CA ALA A 171 -10.96 13.07 2.46
C ALA A 171 -10.84 13.50 3.91
N ASP A 172 -9.78 13.08 4.62
CA ASP A 172 -9.60 13.51 6.00
C ASP A 172 -9.21 14.98 6.11
N VAL A 173 -8.49 15.52 5.13
CA VAL A 173 -8.24 16.96 5.11
C VAL A 173 -9.50 17.72 4.71
N LEU A 174 -10.22 17.22 3.71
CA LEU A 174 -11.51 17.80 3.34
C LEU A 174 -12.40 17.93 4.56
N LYS A 175 -12.39 16.91 5.42
CA LYS A 175 -13.13 17.02 6.68
C LYS A 175 -12.69 18.23 7.48
N THR A 176 -11.38 18.53 7.50
CA THR A 176 -10.91 19.68 8.26
C THR A 176 -11.31 21.01 7.64
N PHE A 177 -11.77 21.02 6.38
CA PHE A 177 -12.27 22.26 5.80
C PHE A 177 -13.73 22.58 6.10
N GLN A 178 -14.46 21.72 6.82
CA GLN A 178 -15.91 21.94 6.93
C GLN A 178 -16.40 21.96 8.37
N THR A 179 -15.51 22.00 9.35
CA THR A 179 -15.97 22.13 10.73
C THR A 179 -16.63 23.50 10.91
N PRO A 180 -17.53 23.64 11.88
CA PRO A 180 -18.39 24.82 11.89
C PRO A 180 -17.66 26.14 12.13
N ASN A 181 -16.41 26.10 12.63
CA ASN A 181 -15.65 27.34 12.78
C ASN A 181 -15.17 27.90 11.45
N LEU A 182 -15.30 27.15 10.37
CA LEU A 182 -14.79 27.55 9.06
C LEU A 182 -15.88 27.86 8.05
N TRP A 183 -17.15 27.86 8.45
CA TRP A 183 -18.24 28.03 7.50
C TRP A 183 -18.26 29.40 6.84
N LYS A 184 -17.60 30.41 7.40
CA LYS A 184 -17.48 31.72 6.77
C LYS A 184 -16.02 32.10 6.53
N ASP A 185 -15.10 31.14 6.56
CA ASP A 185 -13.69 31.48 6.53
C ASP A 185 -13.27 31.90 5.12
N THR A 186 -12.63 33.07 5.00
CA THR A 186 -12.31 33.58 3.66
C THR A 186 -11.15 32.83 3.01
N HIS A 187 -10.25 32.21 3.79
CA HIS A 187 -9.18 31.44 3.18
C HIS A 187 -9.69 30.14 2.57
N ILE A 188 -10.57 29.42 3.28
CA ILE A 188 -11.22 28.23 2.72
C ILE A 188 -11.93 28.60 1.42
N GLN A 189 -12.66 29.72 1.42
CA GLN A 189 -13.33 30.14 0.20
C GLN A 189 -12.34 30.41 -0.92
N GLU A 190 -11.22 31.08 -0.62
CA GLU A 190 -10.27 31.34 -1.70
C GLU A 190 -9.72 30.02 -2.24
N ILE A 191 -9.46 29.06 -1.37
CA ILE A 191 -8.97 27.76 -1.84
C ILE A 191 -9.95 27.15 -2.83
N VAL A 192 -11.24 27.08 -2.47
CA VAL A 192 -12.12 26.33 -3.37
C VAL A 192 -12.64 27.17 -4.54
N GLU A 193 -12.62 28.49 -4.43
CA GLU A 193 -13.11 29.38 -5.47
C GLU A 193 -12.03 29.70 -6.50
N LYS A 194 -10.82 30.02 -6.05
CA LYS A 194 -9.76 30.44 -6.96
C LYS A 194 -8.86 29.28 -7.40
N PHE A 195 -8.73 28.23 -6.61
CA PHE A 195 -7.85 27.14 -7.00
C PHE A 195 -8.60 25.84 -7.25
N GLY A 196 -9.39 25.38 -6.30
CA GLY A 196 -10.08 24.11 -6.44
C GLY A 196 -9.34 22.99 -5.75
N LEU A 197 -10.05 21.87 -5.60
CA LEU A 197 -9.62 20.74 -4.81
C LEU A 197 -9.77 19.47 -5.62
N VAL A 198 -8.78 18.59 -5.52
CA VAL A 198 -8.93 17.21 -5.99
C VAL A 198 -8.83 16.32 -4.76
N CYS A 199 -9.92 15.60 -4.48
CA CYS A 199 -10.07 14.81 -3.27
C CYS A 199 -10.05 13.33 -3.62
N VAL A 200 -9.13 12.59 -3.00
CA VAL A 200 -9.05 11.14 -3.15
C VAL A 200 -9.65 10.52 -1.90
N SER A 201 -10.57 9.59 -2.09
CA SER A 201 -11.37 9.10 -0.98
C SER A 201 -10.58 8.12 -0.14
N ARG A 202 -10.59 8.34 1.16
CA ARG A 202 -10.00 7.43 2.12
C ARG A 202 -11.14 6.60 2.71
N SER A 203 -10.94 5.28 2.79
CA SER A 203 -12.01 4.40 3.24
C SER A 203 -12.55 4.85 4.60
N GLY A 204 -13.87 4.94 4.71
CA GLY A 204 -14.51 5.39 5.93
C GLY A 204 -14.82 6.88 5.99
N HIS A 205 -14.63 7.63 4.91
CA HIS A 205 -14.98 9.04 4.86
C HIS A 205 -16.05 9.27 3.81
N ASP A 206 -16.83 10.32 4.00
CA ASP A 206 -17.95 10.65 3.13
C ASP A 206 -17.77 12.06 2.59
N PRO A 207 -17.04 12.21 1.48
CA PRO A 207 -16.71 13.56 1.00
C PRO A 207 -17.94 14.36 0.57
N GLU A 208 -18.96 13.69 0.03
CA GLU A 208 -20.15 14.41 -0.42
C GLU A 208 -20.86 15.09 0.74
N ARG A 209 -20.87 14.45 1.93
CA ARG A 209 -21.53 15.07 3.08
C ARG A 209 -20.69 16.20 3.64
N TYR A 210 -19.36 16.05 3.66
CA TYR A 210 -18.48 17.18 3.98
C TYR A 210 -18.79 18.37 3.09
N ILE A 211 -18.85 18.15 1.78
CA ILE A 211 -19.18 19.23 0.85
C ILE A 211 -20.52 19.86 1.22
N SER A 212 -21.54 19.02 1.48
CA SER A 212 -22.86 19.58 1.74
C SER A 212 -22.96 20.29 3.09
N ASP A 213 -22.10 19.97 4.06
CA ASP A 213 -22.23 20.53 5.39
C ASP A 213 -21.60 21.91 5.53
N SER A 214 -20.71 22.31 4.61
CA SER A 214 -20.19 23.68 4.62
C SER A 214 -20.88 24.51 3.55
N PRO A 215 -21.38 25.71 3.89
CA PRO A 215 -21.95 26.59 2.85
C PRO A 215 -20.93 27.02 1.81
N ILE A 216 -19.66 27.16 2.22
CA ILE A 216 -18.62 27.54 1.27
C ILE A 216 -18.34 26.39 0.30
N LEU A 217 -18.10 25.19 0.84
CA LEU A 217 -17.89 24.04 -0.03
C LEU A 217 -19.10 23.80 -0.93
N GLN A 218 -20.31 23.95 -0.38
CA GLN A 218 -21.51 23.74 -1.18
C GLN A 218 -21.55 24.72 -2.35
N GLN A 219 -21.31 26.01 -2.07
CA GLN A 219 -21.35 27.03 -3.12
C GLN A 219 -20.37 26.72 -4.26
N PHE A 220 -19.17 26.24 -3.93
CA PHE A 220 -18.14 26.05 -4.93
C PHE A 220 -17.85 24.57 -5.19
N GLN A 221 -18.88 23.74 -5.01
CA GLN A 221 -18.79 22.30 -5.27
C GLN A 221 -18.28 21.96 -6.66
N HIS A 222 -18.51 22.84 -7.64
CA HIS A 222 -18.11 22.57 -9.01
C HIS A 222 -16.61 22.69 -9.23
N ASN A 223 -15.86 23.18 -8.23
CA ASN A 223 -14.40 23.17 -8.31
C ASN A 223 -13.79 22.17 -7.33
N ILE A 224 -14.62 21.27 -6.79
CA ILE A 224 -14.19 20.17 -5.93
C ILE A 224 -14.32 18.88 -6.73
N HIS A 225 -13.20 18.25 -7.09
CA HIS A 225 -13.21 17.03 -7.89
C HIS A 225 -13.04 15.81 -6.99
N LEU A 226 -13.97 14.88 -7.08
CA LEU A 226 -13.94 13.68 -6.24
C LEU A 226 -13.45 12.53 -7.09
N ALA A 227 -12.24 12.04 -6.80
CA ALA A 227 -11.74 10.86 -7.51
C ALA A 227 -12.51 9.63 -7.08
N ARG A 228 -12.83 8.76 -8.04
CA ARG A 228 -13.62 7.57 -7.70
C ARG A 228 -12.75 6.40 -7.23
N GLU A 229 -11.53 6.25 -7.73
CA GLU A 229 -10.74 5.06 -7.42
C GLU A 229 -10.36 5.03 -5.94
N PRO A 230 -10.46 3.87 -5.28
CA PRO A 230 -9.98 3.77 -3.89
C PRO A 230 -8.48 4.00 -3.81
N VAL A 231 -8.03 4.48 -2.65
CA VAL A 231 -6.61 4.74 -2.52
C VAL A 231 -5.82 3.44 -2.34
N LEU A 232 -6.39 2.48 -1.59
CA LEU A 232 -5.82 1.15 -1.31
C LEU A 232 -4.60 1.21 -0.39
N ASN A 233 -3.68 2.15 -0.62
CA ASN A 233 -2.56 2.41 0.28
C ASN A 233 -3.03 3.20 1.50
N GLU A 234 -3.75 2.53 2.40
CA GLU A 234 -4.33 3.25 3.55
C GLU A 234 -3.28 3.30 4.67
N ILE A 235 -2.28 4.16 4.46
CA ILE A 235 -1.06 4.21 5.26
C ILE A 235 -0.92 5.63 5.80
N SER A 236 -0.98 5.78 7.12
CA SER A 236 -0.75 7.08 7.73
C SER A 236 0.69 7.19 8.19
N ALA A 237 1.22 8.42 8.14
CA ALA A 237 2.56 8.65 8.69
C ALA A 237 2.58 8.35 10.19
N THR A 238 1.47 8.58 10.88
CA THR A 238 1.41 8.28 12.31
C THR A 238 1.63 6.80 12.58
N TYR A 239 1.01 5.93 11.77
CA TYR A 239 1.28 4.51 11.92
C TYR A 239 2.74 4.20 11.69
N VAL A 240 3.32 4.77 10.63
CA VAL A 240 4.71 4.50 10.29
C VAL A 240 5.65 4.90 11.42
N ARG A 241 5.44 6.08 12.02
CA ARG A 241 6.28 6.50 13.12
C ARG A 241 6.12 5.56 14.30
N LYS A 242 4.89 5.16 14.61
CA LYS A 242 4.70 4.27 15.74
C LYS A 242 5.39 2.93 15.51
N ALA A 243 5.28 2.38 14.30
CA ALA A 243 5.94 1.12 14.00
C ALA A 243 7.46 1.25 14.07
N LEU A 244 8.01 2.34 13.55
CA LEU A 244 9.46 2.52 13.61
C LEU A 244 9.94 2.62 15.06
N GLY A 245 9.19 3.33 15.91
CA GLY A 245 9.57 3.42 17.30
C GLY A 245 9.56 2.08 18.02
N GLN A 246 8.72 1.16 17.58
CA GLN A 246 8.62 -0.17 18.17
C GLN A 246 9.49 -1.20 17.50
N GLY A 247 10.31 -0.80 16.52
CA GLY A 247 11.13 -1.77 15.82
C GLY A 247 10.39 -2.66 14.85
N GLN A 248 9.16 -2.31 14.49
CA GLN A 248 8.40 -3.12 13.56
C GLN A 248 8.71 -2.72 12.11
N SER A 249 8.42 -3.64 11.21
CA SER A 249 8.68 -3.42 9.79
C SER A 249 7.73 -2.39 9.20
N VAL A 250 8.26 -1.57 8.30
CA VAL A 250 7.43 -0.68 7.51
C VAL A 250 7.78 -0.93 6.04
N LYS A 251 8.48 -2.02 5.77
CA LYS A 251 8.78 -2.37 4.39
C LYS A 251 7.50 -2.55 3.60
N TYR A 252 7.53 -2.12 2.33
CA TYR A 252 6.41 -2.13 1.39
C TYR A 252 5.34 -1.12 1.74
N LEU A 253 5.52 -0.31 2.81
CA LEU A 253 4.66 0.82 3.09
C LEU A 253 5.26 2.16 2.65
N LEU A 254 6.57 2.19 2.40
CA LEU A 254 7.33 3.38 2.04
C LEU A 254 8.33 3.00 0.97
N PRO A 255 8.78 3.94 0.14
CA PRO A 255 9.89 3.65 -0.77
C PRO A 255 11.11 3.16 0.00
N GLU A 256 11.83 2.21 -0.61
CA GLU A 256 12.96 1.62 0.06
C GLU A 256 14.02 2.66 0.40
N ALA A 257 14.27 3.60 -0.51
CA ALA A 257 15.29 4.62 -0.23
C ALA A 257 14.91 5.49 0.97
N VAL A 258 13.60 5.64 1.23
CA VAL A 258 13.16 6.39 2.41
C VAL A 258 13.47 5.60 3.68
N ILE A 259 13.19 4.29 3.67
CA ILE A 259 13.50 3.45 4.83
C ILE A 259 15.00 3.47 5.08
N THR A 260 15.78 3.43 4.02
CA THR A 260 17.24 3.46 4.15
C THR A 260 17.72 4.79 4.74
N TYR A 261 17.13 5.90 4.26
CA TYR A 261 17.48 7.20 4.83
C TYR A 261 17.13 7.26 6.31
N ILE A 262 15.93 6.79 6.68
CA ILE A 262 15.50 6.79 8.08
C ILE A 262 16.45 5.96 8.94
N ARG A 263 16.80 4.75 8.49
CA ARG A 263 17.76 3.92 9.22
C ARG A 263 19.12 4.62 9.36
N ASP A 264 19.64 5.17 8.26
CA ASP A 264 20.98 5.79 8.29
C ASP A 264 21.01 7.04 9.18
N GLN A 265 19.92 7.80 9.22
CA GLN A 265 19.85 9.04 10.00
C GLN A 265 19.36 8.82 11.41
N GLY A 266 18.98 7.61 11.77
CA GLY A 266 18.44 7.38 13.11
C GLY A 266 17.16 8.13 13.42
N LEU A 267 16.30 8.31 12.42
CA LEU A 267 15.05 9.05 12.64
C LEU A 267 13.96 8.12 13.21
N TYR A 268 13.05 8.73 13.96
CA TYR A 268 11.83 8.12 14.49
C TYR A 268 12.10 7.03 15.52
N ILE A 269 13.31 6.99 16.07
CA ILE A 269 13.69 6.01 17.08
C ILE A 269 13.51 6.63 18.46
N ASN A 270 12.95 5.85 19.37
CA ASN A 270 12.75 6.28 20.76
C ASN A 270 14.01 6.07 21.58
N ARG B 40 12.11 -19.22 19.70
CA ARG B 40 12.79 -20.45 20.07
C ARG B 40 12.65 -21.49 18.97
N ILE B 41 11.41 -21.77 18.59
CA ILE B 41 11.11 -22.69 17.50
C ILE B 41 11.40 -22.02 16.16
N PRO B 42 12.36 -22.52 15.39
CA PRO B 42 12.55 -21.99 14.03
C PRO B 42 11.35 -22.32 13.16
N VAL B 43 10.89 -21.35 12.39
CA VAL B 43 9.67 -21.50 11.60
C VAL B 43 9.90 -20.96 10.19
N VAL B 44 9.27 -21.60 9.21
CA VAL B 44 9.25 -21.16 7.82
C VAL B 44 7.81 -20.77 7.47
N LEU B 45 7.66 -19.66 6.77
CA LEU B 45 6.35 -19.17 6.34
C LEU B 45 6.20 -19.48 4.85
N LEU B 46 5.17 -20.26 4.50
CA LEU B 46 4.85 -20.57 3.11
C LEU B 46 3.58 -19.84 2.71
N ALA B 47 3.63 -19.12 1.58
CA ALA B 47 2.45 -18.45 1.04
C ALA B 47 2.11 -19.08 -0.30
N CYS B 48 0.94 -19.71 -0.38
CA CYS B 48 0.40 -20.21 -1.63
C CYS B 48 -0.63 -19.23 -2.17
N GLY B 49 -0.85 -19.28 -3.46
CA GLY B 49 -1.77 -18.35 -4.11
C GLY B 49 -1.39 -18.19 -5.57
N SER B 50 -2.24 -17.46 -6.29
CA SER B 50 -2.02 -17.29 -7.73
C SER B 50 -0.85 -16.36 -8.02
N PHE B 51 -0.67 -15.32 -7.19
CA PHE B 51 0.31 -14.24 -7.43
C PHE B 51 0.23 -13.73 -8.88
N ASN B 52 -0.93 -13.14 -9.20
CA ASN B 52 -1.34 -12.90 -10.58
C ASN B 52 -1.81 -11.46 -10.78
N PRO B 53 -0.93 -10.47 -10.58
CA PRO B 53 0.48 -10.53 -10.19
C PRO B 53 0.65 -10.41 -8.68
N ILE B 54 1.88 -10.63 -8.20
CA ILE B 54 2.23 -10.27 -6.84
C ILE B 54 2.05 -8.75 -6.64
N THR B 55 1.67 -8.34 -5.43
CA THR B 55 1.47 -6.93 -5.11
C THR B 55 2.18 -6.60 -3.80
N ASN B 56 2.20 -5.29 -3.46
CA ASN B 56 2.72 -4.87 -2.17
C ASN B 56 1.97 -5.50 -0.99
N MET B 57 0.70 -5.87 -1.18
CA MET B 57 -0.04 -6.55 -0.11
C MET B 57 0.60 -7.88 0.27
N HIS B 58 0.98 -8.71 -0.72
CA HIS B 58 1.52 -10.04 -0.41
C HIS B 58 2.84 -9.94 0.35
N LEU B 59 3.70 -8.99 -0.03
CA LEU B 59 4.98 -8.79 0.64
C LEU B 59 4.79 -8.31 2.07
N ARG B 60 3.89 -7.33 2.25
CA ARG B 60 3.57 -6.82 3.56
C ARG B 60 3.07 -7.93 4.48
N LEU B 61 2.31 -8.90 3.94
CA LEU B 61 1.82 -10.00 4.77
C LEU B 61 2.97 -10.75 5.44
N PHE B 62 4.04 -11.02 4.69
CA PHE B 62 5.21 -11.72 5.25
C PHE B 62 5.82 -10.91 6.38
N GLU B 63 5.99 -9.60 6.15
CA GLU B 63 6.61 -8.75 7.19
C GLU B 63 5.78 -8.72 8.47
N VAL B 64 4.45 -8.54 8.36
CA VAL B 64 3.59 -8.51 9.54
C VAL B 64 3.62 -9.85 10.26
N ALA B 65 3.57 -10.95 9.50
CA ALA B 65 3.54 -12.27 10.12
C ALA B 65 4.84 -12.53 10.89
N ARG B 66 5.98 -12.22 10.28
CA ARG B 66 7.26 -12.42 10.96
C ARG B 66 7.34 -11.59 12.24
N ASP B 67 6.92 -10.32 12.19
CA ASP B 67 6.92 -9.51 13.39
C ASP B 67 6.03 -10.12 14.47
N HIS B 68 4.87 -10.64 14.09
CA HIS B 68 3.97 -11.20 15.09
C HIS B 68 4.56 -12.43 15.77
N LEU B 69 5.07 -13.38 14.97
CA LEU B 69 5.67 -14.57 15.54
C LEU B 69 6.85 -14.22 16.43
N HIS B 70 7.70 -13.28 16.00
CA HIS B 70 8.80 -12.86 16.85
C HIS B 70 8.28 -12.22 18.14
N GLN B 71 7.18 -11.47 18.03
CA GLN B 71 6.64 -10.76 19.18
C GLN B 71 6.12 -11.72 20.25
N THR B 72 5.63 -12.91 19.85
CA THR B 72 5.21 -13.88 20.87
C THR B 72 6.37 -14.39 21.71
N GLY B 73 7.61 -14.29 21.22
CA GLY B 73 8.78 -14.75 21.96
C GLY B 73 9.15 -16.20 21.76
N ARG B 74 8.29 -17.01 21.15
CA ARG B 74 8.53 -18.44 21.06
C ARG B 74 9.03 -18.89 19.69
N TYR B 75 9.09 -18.00 18.70
CA TYR B 75 9.46 -18.40 17.36
C TYR B 75 10.61 -17.57 16.83
N GLN B 76 11.41 -18.18 15.97
CA GLN B 76 12.41 -17.49 15.16
C GLN B 76 12.10 -17.80 13.70
N VAL B 77 11.67 -16.77 12.96
CA VAL B 77 11.32 -16.95 11.56
C VAL B 77 12.61 -17.00 10.74
N ILE B 78 12.82 -18.10 10.04
CA ILE B 78 14.06 -18.39 9.33
C ILE B 78 13.96 -17.99 7.87
N GLU B 79 12.78 -18.13 7.28
CA GLU B 79 12.66 -18.03 5.84
C GLU B 79 11.20 -17.78 5.47
N GLY B 80 11.01 -17.17 4.32
CA GLY B 80 9.68 -17.08 3.72
C GLY B 80 9.72 -17.64 2.31
N ILE B 81 8.65 -18.36 1.95
CA ILE B 81 8.55 -18.99 0.63
C ILE B 81 7.27 -18.52 -0.05
N ILE B 82 7.41 -17.98 -1.25
CA ILE B 82 6.28 -17.67 -2.11
C ILE B 82 6.16 -18.78 -3.16
N SER B 83 4.99 -19.40 -3.23
CA SER B 83 4.77 -20.58 -4.07
C SER B 83 3.60 -20.31 -5.00
N PRO B 84 3.86 -19.83 -6.22
CA PRO B 84 2.77 -19.57 -7.16
C PRO B 84 2.05 -20.83 -7.60
N VAL B 85 0.75 -20.67 -7.86
CA VAL B 85 -0.12 -21.80 -8.16
C VAL B 85 0.21 -22.41 -9.53
N ASN B 86 -0.01 -23.71 -9.64
CA ASN B 86 0.16 -24.42 -10.90
C ASN B 86 -0.85 -23.93 -11.94
N ASP B 87 -0.47 -24.00 -13.22
CA ASP B 87 -1.37 -23.61 -14.31
C ASP B 87 -2.49 -24.64 -14.58
N SER B 88 -2.40 -25.85 -14.02
CA SER B 88 -3.38 -26.90 -14.32
C SER B 88 -4.79 -26.48 -13.95
N TYR B 89 -5.70 -26.54 -14.92
CA TYR B 89 -7.10 -26.14 -14.75
C TYR B 89 -7.25 -24.72 -14.24
N GLY B 90 -6.30 -23.84 -14.59
CA GLY B 90 -6.36 -22.47 -14.11
C GLY B 90 -7.43 -21.63 -14.79
N LYS B 91 -7.79 -20.53 -14.11
CA LYS B 91 -8.73 -19.54 -14.63
C LYS B 91 -8.22 -18.95 -15.94
N LYS B 92 -9.15 -18.41 -16.73
CA LYS B 92 -8.71 -17.82 -17.99
C LYS B 92 -7.84 -16.58 -17.79
N ASP B 93 -7.96 -15.88 -16.66
CA ASP B 93 -7.13 -14.70 -16.38
C ASP B 93 -5.78 -15.04 -15.74
N LEU B 94 -5.47 -16.32 -15.54
CA LEU B 94 -4.23 -16.69 -14.89
C LEU B 94 -3.12 -16.73 -15.93
N VAL B 95 -2.18 -15.79 -15.85
CA VAL B 95 -1.10 -15.83 -16.82
C VAL B 95 -0.18 -17.02 -16.54
N ALA B 96 0.62 -17.35 -17.55
CA ALA B 96 1.51 -18.51 -17.47
C ALA B 96 2.39 -18.45 -16.22
N SER B 97 2.68 -19.62 -15.67
CA SER B 97 3.35 -19.67 -14.37
C SER B 97 4.78 -19.10 -14.44
N HIS B 98 5.46 -19.22 -15.58
CA HIS B 98 6.83 -18.69 -15.63
C HIS B 98 6.84 -17.16 -15.53
N HIS B 99 5.77 -16.49 -16.00
CA HIS B 99 5.64 -15.06 -15.76
C HIS B 99 5.46 -14.76 -14.28
N ARG B 100 4.58 -15.51 -13.61
CA ARG B 100 4.28 -15.20 -12.21
C ARG B 100 5.46 -15.49 -11.32
N VAL B 101 6.24 -16.52 -11.66
CA VAL B 101 7.50 -16.78 -10.96
C VAL B 101 8.48 -15.64 -11.22
N ALA B 102 8.61 -15.20 -12.48
CA ALA B 102 9.54 -14.11 -12.78
C ALA B 102 9.18 -12.82 -12.06
N MET B 103 7.88 -12.49 -12.01
CA MET B 103 7.44 -11.28 -11.33
C MET B 103 7.69 -11.37 -9.84
N ALA B 104 7.43 -12.54 -9.25
CA ALA B 104 7.69 -12.71 -7.83
C ALA B 104 9.18 -12.57 -7.54
N ARG B 105 10.04 -13.11 -8.42
CA ARG B 105 11.48 -12.97 -8.26
C ARG B 105 11.92 -11.49 -8.33
N LEU B 106 11.40 -10.75 -9.31
CA LEU B 106 11.69 -9.31 -9.37
C LEU B 106 11.20 -8.59 -8.13
N ALA B 107 10.02 -8.95 -7.62
CA ALA B 107 9.47 -8.30 -6.44
C ALA B 107 10.33 -8.54 -5.21
N LEU B 108 11.05 -9.65 -5.17
CA LEU B 108 11.76 -10.04 -3.96
C LEU B 108 13.24 -9.67 -4.00
N GLN B 109 13.71 -8.94 -5.01
CA GLN B 109 15.14 -8.68 -5.04
C GLN B 109 15.58 -7.73 -3.93
N THR B 110 14.66 -7.02 -3.29
CA THR B 110 15.00 -6.21 -2.11
C THR B 110 14.78 -6.95 -0.80
N SER B 111 14.40 -8.23 -0.83
CA SER B 111 14.18 -8.99 0.39
C SER B 111 15.42 -9.79 0.73
N ASP B 112 15.77 -9.86 2.01
CA ASP B 112 16.86 -10.74 2.41
C ASP B 112 16.37 -12.03 3.06
N TRP B 113 15.05 -12.29 3.09
CA TRP B 113 14.61 -13.53 3.73
C TRP B 113 13.45 -14.26 3.05
N ILE B 114 12.82 -13.68 2.02
CA ILE B 114 11.74 -14.33 1.28
C ILE B 114 12.27 -14.73 -0.10
N ARG B 115 11.94 -15.94 -0.55
CA ARG B 115 12.32 -16.40 -1.88
C ARG B 115 11.13 -17.02 -2.56
N VAL B 116 11.16 -17.06 -3.88
CA VAL B 116 10.14 -17.75 -4.64
C VAL B 116 10.60 -19.17 -4.89
N ASP B 117 9.69 -20.13 -4.71
CA ASP B 117 10.00 -21.51 -5.04
C ASP B 117 9.02 -21.98 -6.11
N PRO B 118 9.49 -22.24 -7.32
CA PRO B 118 8.59 -22.64 -8.41
C PRO B 118 8.19 -24.11 -8.41
N TRP B 119 8.55 -24.90 -7.39
CA TRP B 119 8.25 -26.34 -7.40
C TRP B 119 6.77 -26.62 -7.66
N GLU B 120 5.88 -26.03 -6.86
CA GLU B 120 4.45 -26.26 -7.06
C GLU B 120 4.06 -26.03 -8.53
N SER B 121 4.50 -24.91 -9.10
CA SER B 121 4.15 -24.55 -10.48
C SER B 121 4.81 -25.46 -11.51
N GLU B 122 5.88 -26.16 -11.14
CA GLU B 122 6.56 -27.01 -12.09
C GLU B 122 5.99 -28.41 -12.15
N GLN B 123 5.09 -28.76 -11.24
CA GLN B 123 4.55 -30.10 -11.21
C GLN B 123 3.62 -30.34 -12.40
N ALA B 124 3.59 -31.59 -12.85
CA ALA B 124 2.84 -31.97 -14.05
C ALA B 124 1.39 -32.34 -13.76
N GLN B 125 0.77 -31.75 -12.75
CA GLN B 125 -0.60 -32.08 -12.38
C GLN B 125 -1.16 -30.99 -11.48
N TRP B 126 -2.48 -31.03 -11.31
CA TRP B 126 -3.14 -30.25 -10.27
C TRP B 126 -2.50 -30.52 -8.92
N MET B 127 -2.24 -29.45 -8.15
CA MET B 127 -1.58 -29.57 -6.85
C MET B 127 -2.49 -29.06 -5.76
N GLU B 128 -2.67 -29.86 -4.71
CA GLU B 128 -3.37 -29.44 -3.50
C GLU B 128 -2.39 -28.76 -2.54
N THR B 129 -2.86 -27.71 -1.86
CA THR B 129 -1.99 -26.95 -0.96
C THR B 129 -1.37 -27.84 0.11
N VAL B 130 -2.12 -28.83 0.61
CA VAL B 130 -1.58 -29.67 1.68
C VAL B 130 -0.36 -30.46 1.19
N LYS B 131 -0.31 -30.79 -0.10
CA LYS B 131 0.85 -31.51 -0.65
C LYS B 131 2.04 -30.59 -0.82
N VAL B 132 1.78 -29.32 -1.12
CA VAL B 132 2.85 -28.33 -1.18
C VAL B 132 3.48 -28.16 0.19
N LEU B 133 2.63 -28.08 1.23
CA LEU B 133 3.16 -27.98 2.60
C LEU B 133 3.96 -29.23 2.97
N ARG B 134 3.47 -30.42 2.62
CA ARG B 134 4.22 -31.64 2.90
C ARG B 134 5.59 -31.61 2.24
N HIS B 135 5.65 -31.23 0.96
CA HIS B 135 6.92 -31.19 0.25
C HIS B 135 7.90 -30.23 0.91
N HIS B 136 7.46 -29.00 1.19
CA HIS B 136 8.41 -28.04 1.75
C HIS B 136 8.78 -28.40 3.19
N HIS B 137 7.86 -29.04 3.91
CA HIS B 137 8.16 -29.50 5.26
C HIS B 137 9.25 -30.56 5.24
N ARG B 138 9.14 -31.52 4.32
CA ARG B 138 10.19 -32.52 4.16
C ARG B 138 11.53 -31.87 3.84
N GLU B 139 11.54 -30.94 2.88
CA GLU B 139 12.81 -30.34 2.51
C GLU B 139 13.36 -29.44 3.62
N LEU B 140 12.47 -28.94 4.49
CA LEU B 140 12.93 -28.18 5.66
C LEU B 140 13.57 -29.10 6.70
N LEU B 141 12.94 -30.24 6.99
CA LEU B 141 13.58 -31.19 7.91
C LEU B 141 14.92 -31.67 7.36
N ARG B 142 15.01 -31.88 6.03
CA ARG B 142 16.30 -32.28 5.45
C ARG B 142 17.34 -31.19 5.61
N SER B 143 17.02 -29.96 5.19
CA SER B 143 18.02 -28.90 5.24
C SER B 143 18.44 -28.60 6.67
N SER B 144 17.54 -28.73 7.64
CA SER B 144 17.91 -28.40 9.00
C SER B 144 18.88 -29.40 9.60
N ALA B 145 18.81 -30.67 9.18
CA ALA B 145 19.75 -31.67 9.69
C ALA B 145 21.19 -31.35 9.31
N GLN B 146 21.41 -30.60 8.22
CA GLN B 146 22.77 -30.28 7.81
C GLN B 146 23.38 -29.14 8.63
N MET B 147 22.57 -28.18 9.08
CA MET B 147 23.08 -27.06 9.85
C MET B 147 23.10 -27.39 11.34
N ALA B 161 15.21 -26.61 18.93
CA ALA B 161 14.08 -27.46 18.56
C ALA B 161 14.07 -27.71 17.06
N LEU B 162 13.12 -28.58 16.60
CA LEU B 162 13.01 -28.85 15.18
C LEU B 162 12.08 -27.83 14.50
N PRO B 163 12.40 -27.44 13.27
CA PRO B 163 11.66 -26.36 12.62
C PRO B 163 10.23 -26.73 12.30
N GLU B 164 9.39 -25.71 12.15
CA GLU B 164 8.00 -25.85 11.80
C GLU B 164 7.70 -25.08 10.52
N LEU B 165 6.72 -25.56 9.77
CA LEU B 165 6.30 -24.94 8.52
C LEU B 165 4.86 -24.51 8.69
N LYS B 166 4.60 -23.22 8.50
CA LYS B 166 3.24 -22.70 8.67
C LYS B 166 2.78 -22.03 7.38
N LEU B 167 1.47 -22.10 7.13
CA LEU B 167 0.85 -21.50 5.97
C LEU B 167 0.43 -20.07 6.30
N LEU B 168 0.92 -19.13 5.50
CA LEU B 168 0.61 -17.71 5.65
C LEU B 168 -0.56 -17.35 4.74
N CYS B 169 -1.60 -16.76 5.32
CA CYS B 169 -2.75 -16.37 4.52
C CYS B 169 -3.42 -15.15 5.14
N GLY B 170 -4.30 -14.54 4.36
CA GLY B 170 -5.19 -13.54 4.90
C GLY B 170 -6.28 -14.16 5.76
N ALA B 171 -6.89 -13.32 6.61
CA ALA B 171 -7.93 -13.80 7.51
C ALA B 171 -9.12 -14.36 6.73
N ASP B 172 -9.33 -13.87 5.51
CA ASP B 172 -10.45 -14.33 4.69
C ASP B 172 -10.39 -15.82 4.39
N VAL B 173 -9.19 -16.39 4.40
CA VAL B 173 -9.05 -17.84 4.18
C VAL B 173 -9.79 -18.63 5.26
N LEU B 174 -9.88 -18.09 6.48
CA LEU B 174 -10.58 -18.82 7.54
C LEU B 174 -12.05 -19.00 7.21
N LYS B 175 -12.60 -18.12 6.37
CA LYS B 175 -13.96 -18.30 5.88
C LYS B 175 -13.98 -19.02 4.55
N THR B 176 -12.94 -18.87 3.73
CA THR B 176 -13.02 -19.31 2.34
C THR B 176 -12.34 -20.65 2.08
N PHE B 177 -11.27 -20.95 2.82
CA PHE B 177 -10.51 -22.19 2.62
C PHE B 177 -10.02 -22.31 1.18
N GLN B 178 -9.56 -21.20 0.60
CA GLN B 178 -9.09 -21.18 -0.78
C GLN B 178 -7.72 -20.50 -0.85
N THR B 179 -6.68 -21.25 -1.22
CA THR B 179 -5.34 -20.66 -1.36
C THR B 179 -4.59 -21.11 -2.62
N PRO B 180 -5.11 -20.80 -3.82
CA PRO B 180 -6.35 -20.07 -4.14
C PRO B 180 -7.56 -20.97 -4.44
N ASN B 181 -7.38 -22.28 -4.35
CA ASN B 181 -8.41 -23.25 -4.69
C ASN B 181 -9.02 -23.85 -3.43
N LEU B 182 -10.29 -24.21 -3.52
CA LEU B 182 -11.00 -24.73 -2.36
C LEU B 182 -10.38 -26.04 -1.90
N TRP B 183 -9.93 -26.07 -0.64
CA TRP B 183 -9.34 -27.28 -0.06
C TRP B 183 -10.38 -28.39 0.04
N LYS B 184 -9.90 -29.63 -0.05
CA LYS B 184 -10.78 -30.75 0.18
C LYS B 184 -11.09 -30.87 1.67
N ASP B 185 -12.33 -31.25 1.98
CA ASP B 185 -12.78 -31.37 3.37
C ASP B 185 -11.84 -32.25 4.20
N THR B 186 -11.32 -33.32 3.61
CA THR B 186 -10.46 -34.26 4.32
C THR B 186 -9.05 -33.74 4.53
N HIS B 187 -8.69 -32.59 3.96
CA HIS B 187 -7.34 -32.04 4.10
C HIS B 187 -7.28 -30.87 5.06
N ILE B 188 -8.43 -30.28 5.43
CA ILE B 188 -8.43 -29.09 6.27
C ILE B 188 -7.80 -29.40 7.62
N GLN B 189 -8.18 -30.53 8.21
CA GLN B 189 -7.66 -30.91 9.51
C GLN B 189 -6.14 -31.03 9.51
N GLU B 190 -5.57 -31.65 8.47
CA GLU B 190 -4.12 -31.77 8.41
C GLU B 190 -3.46 -30.40 8.31
N ILE B 191 -3.99 -29.50 7.48
CA ILE B 191 -3.35 -28.20 7.32
C ILE B 191 -3.35 -27.44 8.66
N VAL B 192 -4.51 -27.35 9.31
CA VAL B 192 -4.52 -26.58 10.56
C VAL B 192 -3.81 -27.32 11.68
N GLU B 193 -3.79 -28.66 11.65
CA GLU B 193 -3.27 -29.45 12.77
C GLU B 193 -1.75 -29.66 12.70
N LYS B 194 -1.25 -30.19 11.59
CA LYS B 194 0.16 -30.53 11.51
C LYS B 194 1.05 -29.35 11.11
N PHE B 195 0.49 -28.36 10.42
CA PHE B 195 1.26 -27.19 10.02
C PHE B 195 0.82 -25.94 10.78
N GLY B 196 -0.41 -25.51 10.59
CA GLY B 196 -0.91 -24.34 11.27
C GLY B 196 -1.01 -23.14 10.34
N LEU B 197 -1.80 -22.16 10.76
CA LEU B 197 -2.09 -20.98 9.98
C LEU B 197 -1.56 -19.75 10.70
N VAL B 198 -0.93 -18.85 9.94
CA VAL B 198 -0.59 -17.50 10.39
C VAL B 198 -1.45 -16.56 9.56
N CYS B 199 -2.44 -15.93 10.19
CA CYS B 199 -3.44 -15.14 9.48
C CYS B 199 -3.26 -13.66 9.77
N VAL B 200 -3.16 -12.86 8.72
CA VAL B 200 -3.10 -11.41 8.82
C VAL B 200 -4.43 -10.86 8.32
N SER B 201 -5.02 -9.94 9.07
CA SER B 201 -6.39 -9.53 8.82
C SER B 201 -6.42 -8.22 8.05
N ARG B 202 -7.13 -8.22 6.93
CA ARG B 202 -7.44 -6.98 6.24
C ARG B 202 -8.66 -6.31 6.90
N SER B 203 -8.86 -5.04 6.58
CA SER B 203 -10.02 -4.33 7.09
C SER B 203 -11.30 -5.03 6.62
N GLY B 204 -12.24 -5.18 7.55
CA GLY B 204 -13.46 -5.91 7.26
C GLY B 204 -13.38 -7.41 7.46
N HIS B 205 -12.21 -7.95 7.77
CA HIS B 205 -12.09 -9.36 8.14
C HIS B 205 -12.32 -9.52 9.63
N ASP B 206 -12.89 -10.66 10.00
CA ASP B 206 -13.28 -10.93 11.39
C ASP B 206 -12.90 -12.36 11.71
N PRO B 207 -11.61 -12.61 11.99
CA PRO B 207 -11.15 -14.00 12.12
C PRO B 207 -11.77 -14.76 13.29
N GLU B 208 -12.14 -14.10 14.38
CA GLU B 208 -12.65 -14.84 15.53
C GLU B 208 -14.07 -15.35 15.26
N ARG B 209 -14.85 -14.60 14.48
CA ARG B 209 -16.18 -15.10 14.10
C ARG B 209 -16.05 -16.22 13.08
N TYR B 210 -15.06 -16.12 12.17
CA TYR B 210 -14.81 -17.22 11.23
C TYR B 210 -14.44 -18.49 11.98
N ILE B 211 -13.58 -18.38 13.00
CA ILE B 211 -13.21 -19.55 13.79
C ILE B 211 -14.41 -20.07 14.58
N SER B 212 -15.26 -19.16 15.09
CA SER B 212 -16.46 -19.61 15.78
C SER B 212 -17.36 -20.42 14.87
N ASP B 213 -17.56 -19.97 13.64
CA ASP B 213 -18.48 -20.59 12.71
C ASP B 213 -17.92 -21.85 12.05
N SER B 214 -16.80 -22.39 12.52
CA SER B 214 -16.20 -23.59 11.93
C SER B 214 -15.74 -24.53 13.03
N PRO B 215 -16.30 -25.74 13.12
CA PRO B 215 -15.88 -26.67 14.19
C PRO B 215 -14.46 -27.17 14.04
N ILE B 216 -13.95 -27.36 12.82
CA ILE B 216 -12.59 -27.85 12.67
C ILE B 216 -11.59 -26.77 13.08
N LEU B 217 -11.85 -25.51 12.70
CA LEU B 217 -10.97 -24.43 13.12
C LEU B 217 -10.99 -24.25 14.64
N GLN B 218 -12.19 -24.28 15.22
CA GLN B 218 -12.30 -24.14 16.67
C GLN B 218 -11.59 -25.28 17.38
N GLN B 219 -11.70 -26.50 16.84
CA GLN B 219 -11.09 -27.68 17.44
C GLN B 219 -9.60 -27.50 17.63
N PHE B 220 -8.92 -26.90 16.65
CA PHE B 220 -7.48 -26.77 16.68
C PHE B 220 -7.06 -25.30 16.53
N GLN B 221 -7.82 -24.40 17.13
CA GLN B 221 -7.50 -22.98 17.10
C GLN B 221 -6.14 -22.68 17.71
N HIS B 222 -5.60 -23.58 18.52
CA HIS B 222 -4.30 -23.31 19.13
C HIS B 222 -3.16 -23.30 18.13
N ASN B 223 -3.40 -23.73 16.88
CA ASN B 223 -2.38 -23.65 15.84
C ASN B 223 -2.73 -22.61 14.78
N ILE B 224 -3.61 -21.67 15.12
CA ILE B 224 -3.95 -20.54 14.25
C ILE B 224 -3.46 -19.27 14.95
N HIS B 225 -2.49 -18.59 14.33
CA HIS B 225 -1.91 -17.37 14.88
C HIS B 225 -2.50 -16.17 14.17
N LEU B 226 -3.20 -15.33 14.93
CA LEU B 226 -3.83 -14.14 14.39
C LEU B 226 -2.91 -12.96 14.64
N ALA B 227 -2.29 -12.45 13.58
CA ALA B 227 -1.47 -11.25 13.71
C ALA B 227 -2.36 -10.05 13.97
N ARG B 228 -1.87 -9.15 14.81
CA ARG B 228 -2.64 -8.01 15.28
C ARG B 228 -2.45 -6.76 14.43
N GLU B 229 -1.31 -6.60 13.78
CA GLU B 229 -1.10 -5.36 13.05
C GLU B 229 -1.91 -5.35 11.75
N PRO B 230 -2.39 -4.18 11.33
CA PRO B 230 -3.17 -4.10 10.09
C PRO B 230 -2.30 -4.26 8.85
N VAL B 231 -2.91 -4.76 7.78
CA VAL B 231 -2.18 -4.94 6.52
C VAL B 231 -1.86 -3.59 5.88
N LEU B 232 -2.84 -2.67 5.89
CA LEU B 232 -2.75 -1.32 5.32
C LEU B 232 -2.66 -1.31 3.80
N ASN B 233 -1.83 -2.19 3.22
CA ASN B 233 -1.74 -2.39 1.77
C ASN B 233 -2.92 -3.26 1.32
N GLU B 234 -4.08 -2.62 1.16
CA GLU B 234 -5.32 -3.32 0.79
C GLU B 234 -5.41 -3.51 -0.73
N ILE B 235 -4.48 -4.31 -1.27
CA ILE B 235 -4.23 -4.32 -2.72
C ILE B 235 -4.43 -5.74 -3.24
N SER B 236 -5.61 -6.01 -3.78
CA SER B 236 -5.84 -7.31 -4.40
C SER B 236 -5.24 -7.36 -5.79
N ALA B 237 -4.84 -8.57 -6.20
CA ALA B 237 -4.38 -8.74 -7.58
C ALA B 237 -5.50 -8.47 -8.57
N THR B 238 -6.75 -8.76 -8.19
CA THR B 238 -7.90 -8.46 -9.06
C THR B 238 -7.97 -6.98 -9.40
N TYR B 239 -7.82 -6.11 -8.40
CA TYR B 239 -7.83 -4.69 -8.70
C TYR B 239 -6.71 -4.33 -9.66
N VAL B 240 -5.50 -4.84 -9.42
CA VAL B 240 -4.36 -4.48 -10.26
C VAL B 240 -4.63 -4.90 -11.70
N ARG B 241 -5.17 -6.11 -11.91
CA ARG B 241 -5.48 -6.56 -13.27
C ARG B 241 -6.51 -5.66 -13.92
N LYS B 242 -7.58 -5.31 -13.19
CA LYS B 242 -8.58 -4.41 -13.76
C LYS B 242 -7.96 -3.07 -14.14
N ALA B 243 -7.19 -2.49 -13.21
CA ALA B 243 -6.58 -1.19 -13.48
C ALA B 243 -5.66 -1.25 -14.69
N LEU B 244 -4.82 -2.29 -14.75
CA LEU B 244 -3.93 -2.45 -15.90
C LEU B 244 -4.73 -2.54 -17.19
N GLY B 245 -5.82 -3.30 -17.17
CA GLY B 245 -6.62 -3.46 -18.37
C GLY B 245 -7.30 -2.17 -18.79
N GLN B 246 -7.54 -1.25 -17.85
CA GLN B 246 -8.15 0.02 -18.20
C GLN B 246 -7.13 1.14 -18.40
N GLY B 247 -5.83 0.85 -18.34
CA GLY B 247 -4.82 1.88 -18.56
C GLY B 247 -4.59 2.78 -17.37
N GLN B 248 -5.08 2.39 -16.20
CA GLN B 248 -4.94 3.21 -15.00
C GLN B 248 -3.63 2.90 -14.29
N SER B 249 -3.17 3.89 -13.53
CA SER B 249 -1.91 3.73 -12.83
C SER B 249 -2.02 2.67 -11.74
N VAL B 250 -0.98 1.86 -11.62
CA VAL B 250 -0.80 0.98 -10.47
C VAL B 250 0.52 1.25 -9.77
N LYS B 251 1.19 2.35 -10.11
CA LYS B 251 2.42 2.74 -9.44
C LYS B 251 2.19 2.79 -7.93
N TYR B 252 3.19 2.36 -7.17
CA TYR B 252 3.20 2.33 -5.70
C TYR B 252 2.24 1.28 -5.13
N LEU B 253 1.59 0.47 -5.98
CA LEU B 253 0.81 -0.68 -5.53
C LEU B 253 1.59 -1.99 -5.67
N LEU B 254 2.61 -2.00 -6.51
CA LEU B 254 3.50 -3.15 -6.65
C LEU B 254 4.87 -2.62 -7.01
N PRO B 255 5.92 -3.43 -6.82
CA PRO B 255 7.27 -2.92 -7.10
C PRO B 255 7.41 -2.51 -8.55
N GLU B 256 8.23 -1.47 -8.77
CA GLU B 256 8.43 -0.91 -10.09
C GLU B 256 8.95 -1.95 -11.09
N ALA B 257 9.83 -2.85 -10.65
CA ALA B 257 10.35 -3.86 -11.56
C ALA B 257 9.25 -4.79 -12.08
N VAL B 258 8.24 -5.08 -11.24
CA VAL B 258 7.11 -5.88 -11.71
C VAL B 258 6.31 -5.10 -12.75
N ILE B 259 6.08 -3.80 -12.52
CA ILE B 259 5.37 -2.97 -13.50
C ILE B 259 6.10 -2.96 -14.84
N THR B 260 7.42 -2.82 -14.79
CA THR B 260 8.22 -2.81 -16.01
C THR B 260 8.13 -4.15 -16.73
N TYR B 261 8.25 -5.25 -16.00
CA TYR B 261 8.06 -6.58 -16.59
C TYR B 261 6.69 -6.69 -17.26
N ILE B 262 5.64 -6.29 -16.55
CA ILE B 262 4.29 -6.39 -17.09
C ILE B 262 4.18 -5.64 -18.41
N ARG B 263 4.72 -4.41 -18.47
CA ARG B 263 4.61 -3.64 -19.71
C ARG B 263 5.44 -4.28 -20.82
N ASP B 264 6.68 -4.68 -20.52
CA ASP B 264 7.55 -5.27 -21.53
C ASP B 264 6.98 -6.57 -22.09
N GLN B 265 6.34 -7.37 -21.25
CA GLN B 265 5.78 -8.64 -21.69
C GLN B 265 4.35 -8.52 -22.19
N GLY B 266 3.75 -7.34 -22.10
CA GLY B 266 2.39 -7.16 -22.58
C GLY B 266 1.34 -7.90 -21.80
N LEU B 267 1.54 -8.10 -20.50
CA LEU B 267 0.57 -8.83 -19.70
C LEU B 267 -0.58 -7.95 -19.27
N TYR B 268 -1.74 -8.57 -19.09
CA TYR B 268 -2.92 -7.96 -18.47
C TYR B 268 -3.54 -6.84 -19.31
N ILE B 269 -3.34 -6.87 -20.63
CA ILE B 269 -3.99 -5.93 -21.55
C ILE B 269 -4.99 -6.71 -22.38
N ASN B 270 -6.26 -6.32 -22.29
CA ASN B 270 -7.33 -7.02 -23.00
C ASN B 270 -7.35 -6.66 -24.49
#